data_5F1H
#
_entry.id   5F1H
#
_cell.length_a   70.030
_cell.length_b   125.358
_cell.length_c   29.681
_cell.angle_alpha   90.000
_cell.angle_beta   90.000
_cell.angle_gamma   90.000
#
_symmetry.space_group_name_H-M   'P 21 21 2'
#
loop_
_entity.id
_entity.type
_entity.pdbx_description
1 polymer 'Bromodomain-containing protein 9'
2 non-polymer 4-[4-[(dimethylamino)methyl]-2,5-dimethoxy-phenyl]-2-methyl-2,7-naphthyridin-1-one
3 water water
#
_entity_poly.entity_id   1
_entity_poly.type   'polypeptide(L)'
_entity_poly.pdbx_seq_one_letter_code
;SMLKLSAENESTPIQQLLEHFLRQLQRKDPHGFFAFPVTDAIAPGYSMIIKHPMDFGTMKDKIVANEYKSVTEFKADFKL
MCDNAMTYNRPDTVYYKLAKKILHAGFKMMSKERLLALKRSMS
;
_entity_poly.pdbx_strand_id   A,B
#
loop_
_chem_comp.id
_chem_comp.type
_chem_comp.name
_chem_comp.formula
5U6 non-polymer 4-[4-[(dimethylamino)methyl]-2,5-dimethoxy-phenyl]-2-methyl-2,7-naphthyridin-1-one 'C20 H23 N3 O3'
#
# COMPACT_ATOMS: atom_id res chain seq x y z
N SER A 11 -2.73 -10.22 2.09
CA SER A 11 -2.83 -9.10 1.16
C SER A 11 -1.51 -8.86 0.41
N THR A 12 -1.61 -8.51 -0.88
CA THR A 12 -0.47 -8.25 -1.77
C THR A 12 -0.17 -6.73 -1.82
N PRO A 13 1.04 -6.29 -2.29
CA PRO A 13 1.30 -4.84 -2.37
C PRO A 13 0.34 -4.06 -3.27
N ILE A 14 -0.18 -4.70 -4.36
CA ILE A 14 -1.15 -4.09 -5.27
C ILE A 14 -2.49 -3.92 -4.56
N GLN A 15 -2.94 -4.97 -3.82
CA GLN A 15 -4.19 -4.94 -3.06
C GLN A 15 -4.16 -3.82 -2.01
N GLN A 16 -3.03 -3.67 -1.30
CA GLN A 16 -2.83 -2.63 -0.28
C GLN A 16 -2.93 -1.24 -0.90
N LEU A 17 -2.25 -1.04 -2.04
CA LEU A 17 -2.28 0.22 -2.76
C LEU A 17 -3.68 0.57 -3.26
N LEU A 18 -4.38 -0.40 -3.89
CA LEU A 18 -5.72 -0.16 -4.41
C LEU A 18 -6.73 0.11 -3.29
N GLU A 19 -6.61 -0.58 -2.14
CA GLU A 19 -7.46 -0.36 -0.97
C GLU A 19 -7.29 1.07 -0.44
N HIS A 20 -6.03 1.58 -0.45
CA HIS A 20 -5.68 2.94 -0.04
C HIS A 20 -6.35 3.95 -0.98
N PHE A 21 -6.22 3.76 -2.32
CA PHE A 21 -6.84 4.63 -3.32
C PHE A 21 -8.36 4.64 -3.17
N LEU A 22 -8.96 3.46 -2.94
CA LEU A 22 -10.41 3.31 -2.79
C LEU A 22 -10.97 3.98 -1.54
N ARG A 23 -10.29 3.83 -0.38
CA ARG A 23 -10.71 4.45 0.88
C ARG A 23 -10.76 5.96 0.75
N GLN A 24 -9.75 6.56 0.08
CA GLN A 24 -9.64 8.00 -0.15
C GLN A 24 -10.79 8.49 -1.04
N LEU A 25 -11.17 7.69 -2.04
CA LEU A 25 -12.27 8.02 -2.97
C LEU A 25 -13.61 7.92 -2.27
N GLN A 26 -13.81 6.85 -1.45
CA GLN A 26 -15.04 6.59 -0.70
C GLN A 26 -15.35 7.67 0.33
N ARG A 27 -14.32 8.41 0.80
CA ARG A 27 -14.45 9.53 1.75
C ARG A 27 -15.25 10.67 1.11
N LYS A 28 -15.16 10.82 -0.23
CA LYS A 28 -15.87 11.84 -0.99
C LYS A 28 -17.37 11.51 -1.20
N ASP A 29 -17.80 10.29 -0.83
CA ASP A 29 -19.21 9.88 -0.95
C ASP A 29 -19.74 9.48 0.45
N PRO A 30 -20.00 10.45 1.38
CA PRO A 30 -20.45 10.08 2.73
C PRO A 30 -21.84 9.48 2.83
N HIS A 31 -22.73 9.80 1.87
CA HIS A 31 -24.11 9.29 1.87
C HIS A 31 -24.22 7.88 1.24
N GLY A 32 -23.13 7.38 0.69
CA GLY A 32 -23.04 6.05 0.10
C GLY A 32 -23.82 5.90 -1.18
N PHE A 33 -23.91 6.97 -2.00
CA PHE A 33 -24.59 6.94 -3.29
C PHE A 33 -23.89 6.03 -4.27
N PHE A 34 -22.57 5.88 -4.15
CA PHE A 34 -21.74 5.04 -5.03
C PHE A 34 -21.25 3.78 -4.32
N ALA A 35 -21.74 3.52 -3.08
CA ALA A 35 -21.35 2.36 -2.27
C ALA A 35 -21.79 0.99 -2.80
N PHE A 36 -22.96 0.92 -3.47
CA PHE A 36 -23.52 -0.33 -4.00
C PHE A 36 -24.19 -0.16 -5.38
N PRO A 37 -24.52 -1.25 -6.15
CA PRO A 37 -25.11 -1.06 -7.48
C PRO A 37 -26.44 -0.31 -7.49
N VAL A 38 -26.64 0.57 -8.51
CA VAL A 38 -27.89 1.32 -8.66
C VAL A 38 -28.94 0.38 -9.26
N THR A 39 -30.10 0.25 -8.60
CA THR A 39 -31.19 -0.62 -9.07
C THR A 39 -32.25 0.24 -9.77
N ASP A 40 -33.12 -0.39 -10.56
CA ASP A 40 -34.21 0.28 -11.26
C ASP A 40 -35.27 0.81 -10.27
N ALA A 41 -35.36 0.19 -9.07
CA ALA A 41 -36.26 0.62 -8.00
C ALA A 41 -35.81 1.99 -7.49
N ILE A 42 -34.49 2.14 -7.25
CA ILE A 42 -33.84 3.37 -6.81
C ILE A 42 -33.81 4.42 -7.94
N ALA A 43 -33.47 4.00 -9.17
CA ALA A 43 -33.42 4.91 -10.31
C ALA A 43 -34.18 4.35 -11.53
N PRO A 44 -35.48 4.73 -11.70
CA PRO A 44 -36.28 4.23 -12.84
C PRO A 44 -35.59 4.27 -14.21
N GLY A 45 -35.63 3.12 -14.88
CA GLY A 45 -35.05 2.94 -16.21
C GLY A 45 -33.53 3.00 -16.28
N TYR A 46 -32.85 2.75 -15.14
CA TYR A 46 -31.38 2.79 -15.05
C TYR A 46 -30.73 1.74 -15.97
N SER A 47 -31.21 0.49 -15.91
CA SER A 47 -30.69 -0.64 -16.70
C SER A 47 -30.91 -0.46 -18.22
N MET A 48 -31.93 0.31 -18.60
CA MET A 48 -32.28 0.65 -19.99
C MET A 48 -31.20 1.56 -20.61
N ILE A 49 -30.54 2.40 -19.78
CA ILE A 49 -29.52 3.39 -20.17
C ILE A 49 -28.09 2.89 -19.91
N ILE A 50 -27.83 2.41 -18.70
CA ILE A 50 -26.50 1.97 -18.26
C ILE A 50 -26.32 0.46 -18.45
N LYS A 51 -25.48 0.10 -19.44
CA LYS A 51 -25.21 -1.29 -19.81
C LYS A 51 -24.04 -1.90 -19.06
N HIS A 52 -23.12 -1.04 -18.56
CA HIS A 52 -21.95 -1.52 -17.83
C HIS A 52 -21.89 -0.86 -16.44
N PRO A 53 -22.74 -1.31 -15.48
CA PRO A 53 -22.75 -0.67 -14.15
C PRO A 53 -21.47 -0.90 -13.34
N MET A 54 -21.17 0.03 -12.44
CA MET A 54 -19.99 -0.03 -11.56
C MET A 54 -20.28 0.81 -10.33
N ASP A 55 -19.68 0.42 -9.20
CA ASP A 55 -19.84 1.07 -7.91
C ASP A 55 -18.64 0.71 -7.04
N PHE A 56 -18.41 1.45 -5.94
CA PHE A 56 -17.30 1.24 -5.00
C PHE A 56 -17.25 -0.16 -4.40
N GLY A 57 -18.42 -0.71 -4.06
CA GLY A 57 -18.56 -2.04 -3.47
C GLY A 57 -18.10 -3.14 -4.41
N THR A 58 -18.47 -3.04 -5.71
CA THR A 58 -18.04 -3.99 -6.74
C THR A 58 -16.53 -3.91 -6.89
N MET A 59 -15.97 -2.68 -6.90
CA MET A 59 -14.52 -2.45 -6.98
C MET A 59 -13.82 -3.04 -5.75
N LYS A 60 -14.41 -2.86 -4.55
CA LYS A 60 -13.87 -3.40 -3.28
C LYS A 60 -13.75 -4.92 -3.37
N ASP A 61 -14.81 -5.61 -3.85
CA ASP A 61 -14.85 -7.07 -4.01
C ASP A 61 -13.80 -7.54 -5.03
N LYS A 62 -13.53 -6.71 -6.06
CA LYS A 62 -12.52 -7.03 -7.06
C LYS A 62 -11.11 -6.94 -6.45
N ILE A 63 -10.86 -5.96 -5.54
CA ILE A 63 -9.57 -5.83 -4.85
C ILE A 63 -9.35 -7.05 -3.95
N VAL A 64 -10.35 -7.39 -3.11
CA VAL A 64 -10.35 -8.54 -2.19
C VAL A 64 -10.12 -9.86 -2.94
N ALA A 65 -10.79 -10.05 -4.09
CA ALA A 65 -10.66 -11.26 -4.91
C ALA A 65 -9.40 -11.27 -5.81
N ASN A 66 -8.57 -10.20 -5.75
CA ASN A 66 -7.33 -10.01 -6.52
C ASN A 66 -7.60 -10.02 -8.05
N GLU A 67 -8.65 -9.30 -8.46
CA GLU A 67 -9.12 -9.17 -9.84
C GLU A 67 -8.48 -8.02 -10.61
N TYR A 68 -7.70 -7.16 -9.93
CA TYR A 68 -7.05 -6.06 -10.64
C TYR A 68 -5.59 -6.40 -10.89
N LYS A 69 -5.19 -6.45 -12.16
CA LYS A 69 -3.80 -6.75 -12.50
C LYS A 69 -2.96 -5.49 -12.57
N SER A 70 -3.61 -4.31 -12.70
CA SER A 70 -2.95 -3.01 -12.76
C SER A 70 -3.80 -1.89 -12.17
N VAL A 71 -3.14 -0.74 -11.88
CA VAL A 71 -3.79 0.48 -11.40
C VAL A 71 -4.68 1.04 -12.53
N THR A 72 -4.22 0.90 -13.81
CA THR A 72 -4.93 1.32 -15.02
C THR A 72 -6.33 0.69 -15.07
N GLU A 73 -6.43 -0.65 -14.82
CA GLU A 73 -7.70 -1.40 -14.77
C GLU A 73 -8.62 -0.84 -13.68
N PHE A 74 -8.04 -0.54 -12.49
CA PHE A 74 -8.75 0.05 -11.36
C PHE A 74 -9.29 1.44 -11.75
N LYS A 75 -8.43 2.30 -12.35
CA LYS A 75 -8.81 3.64 -12.82
C LYS A 75 -9.95 3.58 -13.84
N ALA A 76 -9.91 2.56 -14.74
CA ALA A 76 -10.96 2.37 -15.76
C ALA A 76 -12.33 2.07 -15.13
N ASP A 77 -12.37 1.22 -14.07
CA ASP A 77 -13.63 0.92 -13.37
C ASP A 77 -14.16 2.16 -12.65
N PHE A 78 -13.24 2.92 -12.04
CA PHE A 78 -13.57 4.16 -11.34
C PHE A 78 -14.19 5.18 -12.30
N LYS A 79 -13.53 5.40 -13.47
CA LYS A 79 -14.00 6.31 -14.51
C LYS A 79 -15.37 5.86 -15.03
N LEU A 80 -15.56 4.54 -15.22
CA LEU A 80 -16.83 3.96 -15.67
C LEU A 80 -17.97 4.31 -14.72
N MET A 81 -17.73 4.16 -13.40
CA MET A 81 -18.71 4.49 -12.36
C MET A 81 -19.15 5.96 -12.47
N CYS A 82 -18.18 6.89 -12.58
CA CYS A 82 -18.44 8.33 -12.73
C CYS A 82 -19.13 8.67 -14.04
N ASP A 83 -18.65 8.07 -15.17
CA ASP A 83 -19.25 8.26 -16.49
C ASP A 83 -20.71 7.81 -16.50
N ASN A 84 -21.04 6.70 -15.82
CA ASN A 84 -22.41 6.17 -15.75
C ASN A 84 -23.34 7.18 -15.07
N ALA A 85 -22.90 7.74 -13.93
CA ALA A 85 -23.66 8.73 -13.19
C ALA A 85 -23.86 10.01 -14.01
N MET A 86 -22.86 10.37 -14.85
CA MET A 86 -22.97 11.58 -15.69
C MET A 86 -23.80 11.33 -16.96
N THR A 87 -23.93 10.08 -17.38
CA THR A 87 -24.75 9.71 -18.54
C THR A 87 -26.23 9.62 -18.11
N TYR A 88 -26.51 8.95 -16.97
CA TYR A 88 -27.91 8.75 -16.54
C TYR A 88 -28.55 10.03 -15.98
N ASN A 89 -27.82 10.76 -15.12
CA ASN A 89 -28.30 11.96 -14.43
C ASN A 89 -27.97 13.24 -15.17
N ARG A 90 -28.89 14.23 -15.12
CA ARG A 90 -28.70 15.53 -15.78
C ARG A 90 -27.66 16.38 -15.07
N PRO A 91 -27.01 17.38 -15.74
CA PRO A 91 -25.92 18.13 -15.09
C PRO A 91 -26.26 18.91 -13.82
N ASP A 92 -27.53 19.30 -13.62
CA ASP A 92 -27.93 20.08 -12.44
C ASP A 92 -28.34 19.19 -11.24
N THR A 93 -28.00 17.90 -11.29
CA THR A 93 -28.33 16.94 -10.22
C THR A 93 -27.18 16.67 -9.26
N VAL A 94 -27.51 16.24 -8.03
CA VAL A 94 -26.55 15.90 -6.98
C VAL A 94 -25.61 14.77 -7.46
N TYR A 95 -26.15 13.75 -8.14
CA TYR A 95 -25.38 12.59 -8.61
C TYR A 95 -24.37 12.96 -9.69
N TYR A 96 -24.78 13.78 -10.68
CA TYR A 96 -23.87 14.21 -11.76
C TYR A 96 -22.73 15.07 -11.15
N LYS A 97 -23.08 16.07 -10.32
CA LYS A 97 -22.11 16.97 -9.69
C LYS A 97 -21.11 16.20 -8.83
N LEU A 98 -21.59 15.23 -8.02
CA LEU A 98 -20.73 14.42 -7.17
C LEU A 98 -19.82 13.51 -8.02
N ALA A 99 -20.35 12.90 -9.10
CA ALA A 99 -19.55 12.05 -10.00
C ALA A 99 -18.42 12.84 -10.66
N LYS A 100 -18.70 14.08 -11.09
CA LYS A 100 -17.68 14.93 -11.72
C LYS A 100 -16.60 15.32 -10.70
N LYS A 101 -17.00 15.59 -9.44
CA LYS A 101 -16.10 15.93 -8.34
C LYS A 101 -15.21 14.73 -8.01
N ILE A 102 -15.82 13.55 -7.82
CA ILE A 102 -15.15 12.28 -7.50
C ILE A 102 -14.15 11.92 -8.61
N LEU A 103 -14.55 12.05 -9.90
CA LEU A 103 -13.69 11.77 -11.07
C LEU A 103 -12.43 12.63 -11.06
N HIS A 104 -12.58 13.94 -10.81
CA HIS A 104 -11.47 14.88 -10.73
C HIS A 104 -10.51 14.55 -9.60
N ALA A 105 -11.05 14.18 -8.41
CA ALA A 105 -10.26 13.80 -7.23
C ALA A 105 -9.47 12.51 -7.44
N GLY A 106 -10.08 11.55 -8.12
CA GLY A 106 -9.45 10.26 -8.43
C GLY A 106 -8.34 10.35 -9.45
N PHE A 107 -8.52 11.17 -10.50
CA PHE A 107 -7.53 11.30 -11.56
C PHE A 107 -6.36 12.21 -11.18
N LYS A 108 -6.47 13.00 -10.09
CA LYS A 108 -5.34 13.81 -9.62
C LYS A 108 -4.49 12.94 -8.70
N MET A 109 -5.17 12.10 -7.88
CA MET A 109 -4.59 11.17 -6.92
C MET A 109 -3.88 10.00 -7.64
N MET A 110 -4.47 9.48 -8.72
CA MET A 110 -3.92 8.36 -9.49
C MET A 110 -3.38 8.85 -10.84
N SER A 111 -2.86 10.09 -10.87
CA SER A 111 -2.29 10.71 -12.06
C SER A 111 -0.99 10.03 -12.47
N LYS A 112 -0.63 10.16 -13.76
CA LYS A 112 0.59 9.60 -14.35
C LYS A 112 1.84 10.06 -13.59
N GLU A 113 1.83 11.31 -13.08
CA GLU A 113 2.89 11.92 -12.28
C GLU A 113 3.04 11.22 -10.91
N ARG A 114 1.91 10.99 -10.23
CA ARG A 114 1.85 10.33 -8.93
C ARG A 114 2.26 8.85 -9.07
N LEU A 115 1.89 8.21 -10.19
CA LEU A 115 2.24 6.81 -10.47
C LEU A 115 3.70 6.68 -10.91
N LEU A 116 4.24 7.67 -11.65
CA LEU A 116 5.66 7.67 -12.06
C LEU A 116 6.54 7.81 -10.82
N ALA A 117 6.14 8.66 -9.84
CA ALA A 117 6.87 8.84 -8.58
C ALA A 117 6.86 7.55 -7.77
N LEU A 118 5.75 6.78 -7.84
CA LEU A 118 5.60 5.49 -7.18
C LEU A 118 6.53 4.46 -7.83
N LYS A 119 6.53 4.39 -9.17
CA LYS A 119 7.37 3.51 -10.00
C LYS A 119 8.84 3.75 -9.66
N ARG A 120 9.26 5.03 -9.61
CA ARG A 120 10.64 5.42 -9.28
C ARG A 120 11.04 4.99 -7.87
N SER A 121 10.12 5.09 -6.89
CA SER A 121 10.39 4.70 -5.50
C SER A 121 10.49 3.18 -5.33
N MET A 122 10.01 2.40 -6.32
CA MET A 122 10.06 0.94 -6.29
C MET A 122 11.42 0.37 -6.71
N SER A 123 12.35 1.24 -7.13
CA SER A 123 13.70 0.84 -7.53
C SER A 123 14.59 0.52 -6.33
N GLU B 10 -4.51 8.16 6.99
CA GLU B 10 -4.07 8.37 5.61
C GLU B 10 -2.55 8.65 5.50
N SER B 11 -1.94 8.21 4.39
CA SER B 11 -0.52 8.39 4.07
C SER B 11 -0.34 8.48 2.55
N THR B 12 0.91 8.43 2.07
CA THR B 12 1.23 8.49 0.64
C THR B 12 1.32 7.04 0.07
N PRO B 13 1.20 6.81 -1.28
CA PRO B 13 1.29 5.44 -1.80
C PRO B 13 2.59 4.69 -1.48
N ILE B 14 3.77 5.38 -1.49
CA ILE B 14 5.04 4.73 -1.13
C ILE B 14 5.06 4.40 0.38
N GLN B 15 4.49 5.28 1.23
CA GLN B 15 4.38 5.02 2.67
C GLN B 15 3.54 3.76 2.91
N GLN B 16 2.42 3.62 2.17
CA GLN B 16 1.55 2.43 2.22
C GLN B 16 2.30 1.16 1.82
N LEU B 17 3.09 1.23 0.73
CA LEU B 17 3.89 0.09 0.25
C LEU B 17 4.96 -0.33 1.27
N LEU B 18 5.68 0.65 1.84
CA LEU B 18 6.72 0.38 2.85
C LEU B 18 6.11 -0.15 4.14
N GLU B 19 4.94 0.42 4.56
CA GLU B 19 4.23 -0.06 5.74
C GLU B 19 3.81 -1.52 5.55
N HIS B 20 3.38 -1.89 4.33
CA HIS B 20 3.01 -3.28 3.99
C HIS B 20 4.24 -4.20 4.18
N PHE B 21 5.40 -3.85 3.55
CA PHE B 21 6.62 -4.65 3.67
C PHE B 21 7.07 -4.78 5.11
N LEU B 22 7.01 -3.67 5.87
CA LEU B 22 7.41 -3.67 7.29
C LEU B 22 6.51 -4.61 8.14
N ARG B 23 5.18 -4.59 7.88
CA ARG B 23 4.22 -5.45 8.58
C ARG B 23 4.54 -6.93 8.33
N GLN B 24 4.87 -7.28 7.07
CA GLN B 24 5.21 -8.65 6.67
C GLN B 24 6.49 -9.12 7.35
N LEU B 25 7.48 -8.21 7.50
CA LEU B 25 8.74 -8.53 8.16
C LEU B 25 8.55 -8.67 9.67
N GLN B 26 7.75 -7.76 10.27
CA GLN B 26 7.45 -7.74 11.70
C GLN B 26 6.71 -9.01 12.16
N ARG B 27 5.87 -9.60 11.28
CA ARG B 27 5.14 -10.84 11.51
C ARG B 27 6.08 -12.02 11.78
N LYS B 28 7.30 -11.98 11.19
CA LYS B 28 8.33 -13.00 11.36
C LYS B 28 9.06 -12.89 12.71
N ASP B 29 8.84 -11.80 13.45
CA ASP B 29 9.44 -11.55 14.77
C ASP B 29 8.28 -11.34 15.77
N PRO B 30 7.54 -12.42 16.11
CA PRO B 30 6.38 -12.23 16.99
C PRO B 30 6.72 -11.75 18.42
N HIS B 31 7.91 -12.12 18.95
CA HIS B 31 8.36 -11.72 20.29
C HIS B 31 8.90 -10.27 20.38
N GLY B 32 8.98 -9.59 19.25
CA GLY B 32 9.43 -8.20 19.17
C GLY B 32 10.88 -7.95 19.52
N PHE B 33 11.78 -8.91 19.23
CA PHE B 33 13.23 -8.75 19.48
C PHE B 33 13.82 -7.61 18.65
N PHE B 34 13.24 -7.35 17.47
CA PHE B 34 13.67 -6.32 16.53
C PHE B 34 12.79 -5.07 16.51
N ALA B 35 11.81 -4.99 17.44
CA ALA B 35 10.87 -3.87 17.51
C ALA B 35 11.47 -2.56 18.03
N PHE B 36 12.51 -2.64 18.87
CA PHE B 36 13.13 -1.46 19.49
C PHE B 36 14.66 -1.52 19.48
N PRO B 37 15.38 -0.39 19.73
CA PRO B 37 16.85 -0.46 19.76
C PRO B 37 17.37 -1.29 20.93
N VAL B 38 18.47 -2.01 20.71
CA VAL B 38 19.14 -2.83 21.72
C VAL B 38 19.97 -1.89 22.61
N THR B 39 19.76 -1.95 23.93
CA THR B 39 20.48 -1.10 24.88
C THR B 39 21.68 -1.83 25.46
N ASP B 40 22.70 -1.09 25.92
CA ASP B 40 23.90 -1.68 26.54
C ASP B 40 23.54 -2.39 27.86
N ALA B 41 22.45 -1.95 28.52
CA ALA B 41 21.96 -2.56 29.77
C ALA B 41 21.60 -4.04 29.57
N ILE B 42 21.00 -4.40 28.41
CA ILE B 42 20.62 -5.79 28.09
C ILE B 42 21.67 -6.50 27.21
N ALA B 43 22.55 -5.73 26.54
CA ALA B 43 23.58 -6.30 25.70
C ALA B 43 24.91 -5.56 25.92
N PRO B 44 25.69 -5.97 26.96
CA PRO B 44 26.97 -5.28 27.24
C PRO B 44 27.87 -5.12 26.02
N GLY B 45 28.40 -3.92 25.84
CA GLY B 45 29.28 -3.56 24.73
C GLY B 45 28.59 -3.33 23.40
N TYR B 46 27.26 -3.42 23.36
CA TYR B 46 26.51 -3.27 22.10
C TYR B 46 26.85 -1.98 21.33
N SER B 47 26.85 -0.83 22.01
CA SER B 47 27.11 0.48 21.37
C SER B 47 28.52 0.63 20.78
N MET B 48 29.46 -0.19 21.25
CA MET B 48 30.84 -0.17 20.76
C MET B 48 30.99 -1.11 19.57
N ILE B 49 30.27 -2.24 19.61
CA ILE B 49 30.36 -3.29 18.58
C ILE B 49 29.49 -2.91 17.37
N ILE B 50 28.31 -2.36 17.64
CA ILE B 50 27.31 -1.94 16.65
C ILE B 50 27.28 -0.42 16.58
N LYS B 51 28.06 0.16 15.66
CA LYS B 51 28.16 1.62 15.49
C LYS B 51 26.97 2.16 14.66
N HIS B 52 26.25 1.27 13.96
CA HIS B 52 25.12 1.65 13.13
C HIS B 52 23.87 0.89 13.54
N PRO B 53 23.29 1.21 14.73
CA PRO B 53 22.12 0.47 15.18
C PRO B 53 20.91 0.71 14.29
N MET B 54 20.06 -0.32 14.18
CA MET B 54 18.82 -0.24 13.40
C MET B 54 17.80 -1.21 14.00
N ASP B 55 16.51 -0.88 13.89
CA ASP B 55 15.42 -1.70 14.40
C ASP B 55 14.15 -1.36 13.64
N PHE B 56 13.14 -2.25 13.69
CA PHE B 56 11.85 -2.05 13.01
C PHE B 56 11.13 -0.76 13.44
N GLY B 57 11.30 -0.37 14.70
CA GLY B 57 10.68 0.84 15.27
C GLY B 57 11.24 2.10 14.63
N THR B 58 12.57 2.14 14.42
CA THR B 58 13.28 3.25 13.76
C THR B 58 12.84 3.30 12.30
N MET B 59 12.71 2.13 11.65
CA MET B 59 12.26 2.02 10.25
C MET B 59 10.82 2.53 10.13
N LYS B 60 9.94 2.17 11.10
CA LYS B 60 8.56 2.66 11.12
C LYS B 60 8.53 4.19 11.17
N ASP B 61 9.32 4.81 12.09
CA ASP B 61 9.41 6.26 12.25
C ASP B 61 9.89 6.93 10.97
N LYS B 62 10.85 6.30 10.25
CA LYS B 62 11.37 6.80 8.99
C LYS B 62 10.29 6.81 7.89
N ILE B 63 9.41 5.78 7.88
CA ILE B 63 8.28 5.72 6.94
C ILE B 63 7.29 6.85 7.25
N VAL B 64 6.90 7.01 8.53
CA VAL B 64 5.96 8.02 9.01
C VAL B 64 6.46 9.45 8.69
N ALA B 65 7.79 9.68 8.79
CA ALA B 65 8.42 10.97 8.50
C ALA B 65 8.69 11.15 6.98
N ASN B 66 8.40 10.12 6.16
CA ASN B 66 8.60 10.09 4.70
C ASN B 66 10.08 10.29 4.35
N GLU B 67 10.97 9.65 5.14
CA GLU B 67 12.42 9.71 5.01
C GLU B 67 12.99 8.75 3.95
N TYR B 68 12.20 7.75 3.50
CA TYR B 68 12.65 6.80 2.48
C TYR B 68 12.24 7.25 1.09
N LYS B 69 13.23 7.38 0.21
CA LYS B 69 12.98 7.78 -1.18
C LYS B 69 12.73 6.54 -2.04
N SER B 70 13.18 5.35 -1.57
CA SER B 70 13.02 4.10 -2.33
C SER B 70 12.96 2.85 -1.46
N VAL B 71 12.52 1.73 -2.08
CA VAL B 71 12.50 0.40 -1.48
C VAL B 71 13.97 -0.01 -1.22
N THR B 72 14.91 0.39 -2.10
CA THR B 72 16.35 0.13 -1.92
C THR B 72 16.83 0.65 -0.56
N GLU B 73 16.47 1.91 -0.21
CA GLU B 73 16.86 2.52 1.07
C GLU B 73 16.25 1.77 2.25
N PHE B 74 14.98 1.36 2.10
CA PHE B 74 14.27 0.56 3.10
C PHE B 74 14.96 -0.80 3.30
N LYS B 75 15.29 -1.49 2.19
CA LYS B 75 15.99 -2.77 2.19
C LYS B 75 17.35 -2.63 2.86
N ALA B 76 18.06 -1.50 2.65
CA ALA B 76 19.38 -1.24 3.25
C ALA B 76 19.31 -1.17 4.78
N ASP B 77 18.23 -0.57 5.33
CA ASP B 77 18.05 -0.49 6.77
C ASP B 77 17.72 -1.86 7.35
N PHE B 78 16.87 -2.63 6.65
CA PHE B 78 16.51 -4.01 7.03
C PHE B 78 17.76 -4.90 7.06
N LYS B 79 18.59 -4.82 6.02
CA LYS B 79 19.85 -5.57 5.95
C LYS B 79 20.77 -5.18 7.11
N LEU B 80 20.91 -3.87 7.38
CA LEU B 80 21.76 -3.38 8.46
C LEU B 80 21.32 -3.99 9.81
N MET B 81 20.01 -3.99 10.09
CA MET B 81 19.48 -4.54 11.33
C MET B 81 19.83 -6.03 11.49
N CYS B 82 19.63 -6.83 10.42
CA CYS B 82 19.93 -8.27 10.44
C CYS B 82 21.41 -8.53 10.58
N ASP B 83 22.24 -7.78 9.82
CA ASP B 83 23.70 -7.89 9.87
C ASP B 83 24.20 -7.58 11.29
N ASN B 84 23.62 -6.56 11.95
CA ASN B 84 23.99 -6.18 13.32
C ASN B 84 23.79 -7.35 14.28
N ALA B 85 22.62 -8.00 14.20
CA ALA B 85 22.28 -9.14 15.04
C ALA B 85 23.21 -10.33 14.81
N MET B 86 23.62 -10.55 13.55
CA MET B 86 24.52 -11.64 13.16
C MET B 86 25.99 -11.32 13.43
N THR B 87 26.28 -10.05 13.82
CA THR B 87 27.64 -9.60 14.17
C THR B 87 27.83 -9.69 15.68
N TYR B 88 26.89 -9.12 16.44
CA TYR B 88 26.97 -9.07 17.90
C TYR B 88 26.72 -10.44 18.54
N ASN B 89 25.70 -11.17 18.07
CA ASN B 89 25.29 -12.45 18.64
C ASN B 89 25.98 -13.66 18.03
N ARG B 90 26.22 -14.68 18.86
CA ARG B 90 26.84 -15.94 18.46
C ARG B 90 25.89 -16.73 17.54
N PRO B 91 26.41 -17.55 16.58
CA PRO B 91 25.52 -18.28 15.65
C PRO B 91 24.44 -19.18 16.27
N ASP B 92 24.64 -19.64 17.51
CA ASP B 92 23.69 -20.53 18.20
C ASP B 92 22.59 -19.79 18.97
N THR B 93 22.56 -18.45 18.92
CA THR B 93 21.57 -17.67 19.65
C THR B 93 20.27 -17.52 18.87
N VAL B 94 19.19 -17.17 19.60
CA VAL B 94 17.85 -16.90 19.08
C VAL B 94 17.92 -15.70 18.11
N TYR B 95 18.71 -14.66 18.47
CA TYR B 95 18.86 -13.42 17.70
C TYR B 95 19.55 -13.63 16.38
N TYR B 96 20.68 -14.37 16.36
CA TYR B 96 21.40 -14.69 15.13
C TYR B 96 20.51 -15.51 14.16
N LYS B 97 19.92 -16.61 14.68
CA LYS B 97 19.08 -17.53 13.90
C LYS B 97 17.88 -16.82 13.28
N LEU B 98 17.16 -16.00 14.07
CA LEU B 98 16.02 -15.25 13.55
C LEU B 98 16.45 -14.20 12.52
N ALA B 99 17.57 -13.48 12.76
CA ALA B 99 18.06 -12.46 11.82
C ALA B 99 18.38 -13.06 10.46
N LYS B 100 19.02 -14.25 10.44
CA LYS B 100 19.38 -14.97 9.21
C LYS B 100 18.12 -15.38 8.45
N LYS B 101 17.15 -15.96 9.16
CA LYS B 101 15.87 -16.40 8.61
C LYS B 101 15.09 -15.23 8.00
N ILE B 102 14.97 -14.10 8.73
CA ILE B 102 14.20 -12.96 8.24
C ILE B 102 14.95 -12.18 7.14
N LEU B 103 16.30 -12.15 7.16
CA LEU B 103 17.09 -11.46 6.13
C LEU B 103 16.82 -12.06 4.74
N HIS B 104 16.91 -13.39 4.61
CA HIS B 104 16.73 -14.06 3.32
C HIS B 104 15.29 -14.03 2.83
N ALA B 105 14.32 -14.17 3.76
CA ALA B 105 12.90 -14.10 3.44
C ALA B 105 12.52 -12.67 3.00
N GLY B 106 13.07 -11.67 3.69
CA GLY B 106 12.86 -10.26 3.40
C GLY B 106 13.41 -9.87 2.04
N PHE B 107 14.64 -10.31 1.74
CA PHE B 107 15.28 -10.03 0.46
C PHE B 107 14.58 -10.75 -0.70
N LYS B 108 13.95 -11.91 -0.44
CA LYS B 108 13.17 -12.64 -1.45
C LYS B 108 11.85 -11.89 -1.72
N MET B 109 11.20 -11.40 -0.64
CA MET B 109 9.93 -10.65 -0.68
C MET B 109 10.10 -9.28 -1.40
N MET B 110 11.29 -8.68 -1.26
CA MET B 110 11.59 -7.37 -1.84
C MET B 110 12.63 -7.48 -2.96
N SER B 111 12.66 -8.63 -3.66
CA SER B 111 13.61 -8.89 -4.74
C SER B 111 13.44 -7.95 -5.94
N LYS B 112 14.54 -7.76 -6.70
CA LYS B 112 14.54 -6.93 -7.92
C LYS B 112 13.45 -7.39 -8.89
N GLU B 113 13.21 -8.72 -8.96
CA GLU B 113 12.19 -9.33 -9.82
C GLU B 113 10.78 -9.00 -9.32
N ARG B 114 10.53 -9.10 -8.00
CA ARG B 114 9.23 -8.81 -7.38
C ARG B 114 8.87 -7.32 -7.51
N LEU B 115 9.88 -6.44 -7.33
CA LEU B 115 9.71 -4.99 -7.46
C LEU B 115 9.47 -4.57 -8.90
N LEU B 116 10.05 -5.31 -9.87
CA LEU B 116 9.84 -5.09 -11.31
C LEU B 116 8.41 -5.51 -11.67
N ALA B 117 7.91 -6.58 -11.00
CA ALA B 117 6.54 -7.08 -11.16
C ALA B 117 5.54 -6.16 -10.43
N LEU B 118 6.05 -5.27 -9.56
CA LEU B 118 5.25 -4.28 -8.85
C LEU B 118 5.16 -3.00 -9.68
N LYS B 119 6.29 -2.61 -10.33
CA LYS B 119 6.37 -1.46 -11.25
C LYS B 119 5.44 -1.77 -12.43
N ARG B 120 5.29 -3.08 -12.72
CA ARG B 120 4.43 -3.68 -13.75
C ARG B 120 2.97 -3.28 -13.56
N SER B 121 2.44 -3.44 -12.34
CA SER B 121 1.06 -3.10 -11.98
C SER B 121 0.80 -1.59 -11.89
N MET B 122 1.87 -0.76 -11.92
CA MET B 122 1.78 0.70 -11.90
C MET B 122 1.65 1.23 -13.32
N3 5U6 C . -30.80 8.36 -9.35
C4 5U6 C . -29.51 8.22 -9.67
C5 5U6 C . -29.08 7.28 -7.47
C6 5U6 C . -28.60 7.67 -8.76
C7 5U6 C . -27.17 7.50 -9.07
C10 5U6 C . -28.10 6.72 -6.50
C13 5U6 C . -28.70 4.46 -3.51
C17 5U6 C . -28.26 4.91 -4.75
C20 5U6 C . -29.66 6.62 -3.02
C21 5U6 C . -29.36 5.30 -2.65
C24 5U6 C . -27.57 5.09 -0.30
C26 5U6 C . -26.76 3.03 -5.03
C18 5U6 C . -28.53 6.23 -5.16
C1 5U6 C . -30.44 7.45 -7.20
N8 5U6 C . -26.34 7.02 -8.11
C2 5U6 C . -31.27 7.98 -8.16
C16 5U6 C . -29.53 5.02 1.10
O25 5U6 C . -27.60 4.04 -5.58
C9 5U6 C . -26.79 6.64 -6.87
C12 5U6 C . -24.91 6.83 -8.39
C19 5U6 C . -29.22 7.08 -4.26
C14 5U6 C . -29.78 4.77 -1.29
O22 5U6 C . -30.30 7.45 -2.14
N15 5U6 C . -29.00 5.41 -0.22
O11 5U6 C . -26.75 7.81 -10.17
C23 5U6 C . -31.28 8.37 -2.63
N3 5U6 D . 21.24 -9.47 23.34
C4 5U6 D . 21.10 -9.22 22.04
C5 5U6 D . 18.78 -8.63 22.47
C6 5U6 D . 19.86 -8.80 21.54
C7 5U6 D . 19.62 -8.51 20.12
C10 5U6 D . 17.48 -8.20 21.94
C13 5U6 D . 14.48 -6.57 23.60
C17 5U6 D . 15.61 -6.74 22.80
C20 5U6 D . 14.72 -8.80 24.49
C21 5U6 D . 14.03 -7.58 24.45
C24 5U6 D . 11.40 -8.24 23.47
C26 5U6 D . 15.57 -4.40 22.13
C18 5U6 D . 16.29 -7.97 22.83
C1 5U6 D . 19.01 -8.90 23.83
N8 5U6 D . 18.37 -8.16 19.71
C2 5U6 D . 20.25 -9.33 24.22
C16 5U6 D . 10.48 -7.98 25.68
O25 5U6 D . 16.05 -5.74 21.97
C9 5U6 D . 17.34 -8.01 20.60
C12 5U6 D . 18.14 -7.85 18.29
C19 5U6 D . 15.84 -9.00 23.67
C14 5U6 D . 12.80 -7.35 25.31
O22 5U6 D . 14.30 -9.78 25.36
N15 5U6 D . 11.70 -8.27 24.91
O11 5U6 D . 20.53 -8.60 19.30
C23 5U6 D . 14.54 -11.16 25.07
#